data_9NZN
#
_entry.id   9NZN
#
_cell.length_a   40.095
_cell.length_b   50.928
_cell.length_c   90.182
_cell.angle_alpha   90
_cell.angle_beta   90
_cell.angle_gamma   90
#
_symmetry.space_group_name_H-M   'P 21 21 21'
#
loop_
_entity.id
_entity.type
_entity.pdbx_description
1 polymer 'Isoform 2B of GTPase KRas'
2 non-polymer "GUANOSINE-5'-DIPHOSPHATE"
3 non-polymer (2S)-1-{4-[(7P)-7-(8-ethynyl-7-fluoro-3-hydroxynaphthalen-1-yl)-8-fluoro-2-{[(2R,4R,7aS)-2-fluorotetrahydro-1H-pyrrolizin-7a(5H)-yl]methoxy}pyrido[4,3-d]pyrimidin-4-yl]piperazin-1-yl}-2-fluoro-3-(1,3-thiazol-2-yl)propan-1-one
4 non-polymer 'MAGNESIUM ION'
5 water water
#
_entity_poly.entity_id   1
_entity_poly.type   'polypeptide(L)'
_entity_poly.pdbx_seq_one_letter_code
;GAGMTEYKLVVVGACGVGKSALTIQLIQNHFVDEYDPTIEDSYRKQVVIDGETSLLDILDTAGQEEYSAMRDQYMRTGEG
FLLVFAINNTKSFEDIHHYREQIKRVKDSEDVPMVLVGNKSDLPSRTVDTKQAQDLARSYGIPFIETSAKTRQGVDDAFY
TLVREIRKHKEK
;
_entity_poly.pdbx_strand_id   A
#
loop_
_chem_comp.id
_chem_comp.type
_chem_comp.name
_chem_comp.formula
A1B7Q non-polymer (2S)-1-{4-[(7P)-7-(8-ethynyl-7-fluoro-3-hydroxynaphthalen-1-yl)-8-fluoro-2-{[(2R,4R,7aS)-2-fluorotetrahydro-1H-pyrrolizin-7a(5H)-yl]methoxy}pyrido[4,3-d]pyrimidin-4-yl]piperazin-1-yl}-2-fluoro-3-(1,3-thiazol-2-yl)propan-1-one 'C37 H33 F4 N7 O3 S'
GDP RNA linking GUANOSINE-5'-DIPHOSPHATE 'C10 H15 N5 O11 P2'
MG non-polymer 'MAGNESIUM ION' 'Mg 2'
#
# COMPACT_ATOMS: atom_id res chain seq x y z
N MET A 4 13.99 3.94 19.00
CA MET A 4 14.04 3.75 17.55
C MET A 4 12.75 4.27 16.90
N THR A 5 12.87 4.85 15.70
CA THR A 5 11.70 5.38 14.96
C THR A 5 10.85 4.20 14.46
N GLU A 6 9.54 4.34 14.52
CA GLU A 6 8.62 3.31 14.09
C GLU A 6 7.59 3.93 13.15
N TYR A 7 7.24 3.24 12.05
CA TYR A 7 6.25 3.74 11.09
C TYR A 7 5.15 2.70 10.98
N LYS A 8 3.89 3.11 11.09
CA LYS A 8 2.74 2.20 10.98
C LYS A 8 2.20 2.34 9.54
N LEU A 9 2.40 1.30 8.71
CA LEU A 9 2.00 1.31 7.32
C LEU A 9 0.83 0.36 7.14
N VAL A 10 -0.10 0.72 6.27
CA VAL A 10 -1.27 -0.16 6.05
C VAL A 10 -1.38 -0.41 4.55
N VAL A 11 -1.52 -1.68 4.17
CA VAL A 11 -1.62 -2.06 2.77
C VAL A 11 -3.08 -2.33 2.47
N VAL A 12 -3.67 -1.52 1.58
CA VAL A 12 -5.11 -1.62 1.25
C VAL A 12 -5.32 -1.81 -0.25
N GLY A 13 -6.55 -2.21 -0.61
CA GLY A 13 -6.88 -2.45 -2.01
C GLY A 13 -7.74 -3.67 -2.11
N ALA A 14 -8.30 -3.86 -3.29
CA ALA A 14 -9.19 -4.98 -3.58
C ALA A 14 -8.59 -6.34 -3.26
N CYS A 15 -9.45 -7.34 -3.00
CA CYS A 15 -8.96 -8.70 -2.79
C CYS A 15 -8.31 -9.18 -4.09
N GLY A 16 -7.17 -9.84 -3.96
CA GLY A 16 -6.47 -10.44 -5.09
C GLY A 16 -5.46 -9.56 -5.81
N VAL A 17 -5.27 -8.31 -5.34
CA VAL A 17 -4.33 -7.39 -6.01
C VAL A 17 -2.86 -7.69 -5.70
N GLY A 18 -2.59 -8.43 -4.61
CA GLY A 18 -1.21 -8.73 -4.24
C GLY A 18 -0.75 -8.04 -2.96
N LYS A 19 -1.68 -7.66 -2.07
CA LYS A 19 -1.31 -7.03 -0.80
C LYS A 19 -0.43 -7.96 0.04
N SER A 20 -0.84 -9.22 0.17
CA SER A 20 -0.08 -10.18 0.97
C SER A 20 1.24 -10.50 0.29
N ALA A 21 1.23 -10.69 -1.02
CA ALA A 21 2.43 -11.00 -1.77
C ALA A 21 3.45 -9.85 -1.66
N LEU A 22 2.98 -8.58 -1.71
CA LEU A 22 3.89 -7.45 -1.55
C LEU A 22 4.47 -7.42 -0.13
N THR A 23 3.63 -7.68 0.88
CA THR A 23 4.08 -7.62 2.27
C THR A 23 5.13 -8.70 2.52
N ILE A 24 4.85 -9.93 2.07
CA ILE A 24 5.82 -11.02 2.28
C ILE A 24 7.11 -10.77 1.48
N GLN A 25 7.00 -10.14 0.31
CA GLN A 25 8.19 -9.81 -0.49
C GLN A 25 9.05 -8.80 0.28
N LEU A 26 8.45 -7.79 0.92
CA LEU A 26 9.23 -6.82 1.69
C LEU A 26 9.87 -7.45 2.95
N ILE A 27 9.08 -8.28 3.66
CA ILE A 27 9.47 -8.88 4.93
C ILE A 27 10.49 -10.04 4.78
N GLN A 28 10.28 -10.93 3.79
CA GLN A 28 11.05 -12.17 3.59
C GLN A 28 11.87 -12.25 2.33
N ASN A 29 11.69 -11.33 1.37
CA ASN A 29 12.39 -11.42 0.08
C ASN A 29 12.06 -12.75 -0.67
N HIS A 30 10.78 -13.17 -0.60
CA HIS A 30 10.28 -14.40 -1.23
CA HIS A 30 10.30 -14.38 -1.27
C HIS A 30 8.89 -14.12 -1.80
N PHE A 31 8.53 -14.77 -2.93
CA PHE A 31 7.21 -14.59 -3.54
C PHE A 31 6.29 -15.73 -3.12
N VAL A 32 5.16 -15.39 -2.47
CA VAL A 32 4.17 -16.40 -2.07
C VAL A 32 3.06 -16.52 -3.15
N ASP A 33 2.99 -17.69 -3.79
CA ASP A 33 1.97 -18.00 -4.79
C ASP A 33 0.57 -18.01 -4.16
N GLU A 34 0.46 -18.52 -2.92
CA GLU A 34 -0.82 -18.63 -2.24
C GLU A 34 -0.67 -18.14 -0.82
N TYR A 35 -1.49 -17.17 -0.45
CA TYR A 35 -1.52 -16.64 0.89
C TYR A 35 -3.00 -16.50 1.17
N ASP A 36 -3.49 -17.21 2.17
CA ASP A 36 -4.91 -17.24 2.52
C ASP A 36 -5.55 -15.81 2.54
N PRO A 37 -6.53 -15.52 1.64
CA PRO A 37 -7.06 -14.15 1.59
C PRO A 37 -7.84 -13.71 2.81
N THR A 38 -8.13 -14.64 3.75
CA THR A 38 -8.83 -14.30 4.99
C THR A 38 -7.84 -13.84 6.08
N ILE A 39 -6.51 -14.07 5.91
CA ILE A 39 -5.58 -13.72 6.97
C ILE A 39 -5.20 -12.24 6.92
N GLU A 40 -5.63 -11.47 7.91
CA GLU A 40 -5.25 -10.06 8.05
C GLU A 40 -4.29 -10.07 9.23
N ASP A 41 -3.09 -9.53 9.06
CA ASP A 41 -2.13 -9.50 10.15
C ASP A 41 -1.12 -8.41 9.93
N SER A 42 -0.33 -8.13 10.96
CA SER A 42 0.70 -7.14 10.91
C SER A 42 2.07 -7.80 11.10
N TYR A 43 3.06 -7.25 10.40
CA TYR A 43 4.42 -7.78 10.40
C TYR A 43 5.36 -6.64 10.74
N ARG A 44 6.55 -6.96 11.24
CA ARG A 44 7.54 -5.93 11.58
C ARG A 44 8.81 -6.21 10.85
N LYS A 45 9.45 -5.14 10.31
CA LYS A 45 10.75 -5.31 9.68
C LYS A 45 11.59 -4.10 10.02
N GLN A 46 12.84 -4.32 10.47
CA GLN A 46 13.77 -3.23 10.76
C GLN A 46 14.54 -2.98 9.46
N VAL A 47 14.60 -1.72 9.03
CA VAL A 47 15.21 -1.32 7.77
C VAL A 47 16.02 -0.06 8.00
N VAL A 48 16.87 0.29 7.03
CA VAL A 48 17.59 1.58 7.07
C VAL A 48 17.14 2.29 5.80
N ILE A 49 16.54 3.46 5.95
CA ILE A 49 16.02 4.25 4.83
C ILE A 49 16.64 5.63 4.92
N ASP A 50 17.41 6.02 3.90
CA ASP A 50 18.13 7.31 3.88
C ASP A 50 18.96 7.51 5.16
N GLY A 51 19.59 6.43 5.63
CA GLY A 51 20.46 6.46 6.79
C GLY A 51 19.79 6.34 8.14
N GLU A 52 18.44 6.32 8.17
CA GLU A 52 17.69 6.24 9.39
C GLU A 52 17.23 4.82 9.64
N THR A 53 17.54 4.28 10.82
CA THR A 53 17.08 2.95 11.19
C THR A 53 15.64 3.13 11.66
N SER A 54 14.74 2.25 11.21
CA SER A 54 13.36 2.31 11.67
C SER A 54 12.72 0.95 11.62
N LEU A 55 11.63 0.83 12.40
CA LEU A 55 10.84 -0.37 12.44
C LEU A 55 9.59 -0.08 11.63
N LEU A 56 9.35 -0.88 10.62
CA LEU A 56 8.14 -0.73 9.81
C LEU A 56 7.16 -1.76 10.34
N ASP A 57 5.98 -1.32 10.75
CA ASP A 57 4.92 -2.23 11.20
C ASP A 57 3.91 -2.18 10.08
N ILE A 58 3.77 -3.28 9.34
CA ILE A 58 2.94 -3.32 8.13
C ILE A 58 1.69 -4.13 8.35
N LEU A 59 0.54 -3.49 8.26
CA LEU A 59 -0.75 -4.18 8.39
C LEU A 59 -1.19 -4.56 6.99
N ASP A 60 -1.31 -5.84 6.74
CA ASP A 60 -1.77 -6.39 5.47
C ASP A 60 -3.28 -6.65 5.60
N THR A 61 -4.14 -5.75 5.06
CA THR A 61 -5.59 -5.90 5.23
C THR A 61 -6.12 -7.08 4.47
N ALA A 62 -7.16 -7.72 5.01
CA ALA A 62 -7.71 -8.93 4.41
C ALA A 62 -9.08 -9.29 5.11
N GLY A 63 -9.68 -10.46 4.85
CA GLY A 63 -10.90 -10.87 5.53
C GLY A 63 -12.10 -10.16 4.97
N GLN A 64 -13.21 -10.38 5.63
CA GLN A 64 -14.48 -9.84 5.18
C GLN A 64 -14.50 -8.35 5.25
N GLU A 65 -15.11 -7.72 4.25
CA GLU A 65 -15.30 -6.28 4.27
C GLU A 65 -16.34 -5.97 5.36
N GLU A 66 -15.97 -5.18 6.34
CA GLU A 66 -16.83 -4.73 7.42
C GLU A 66 -16.33 -3.39 7.93
N TYR A 67 -17.22 -2.63 8.60
CA TYR A 67 -16.96 -1.26 9.01
C TYR A 67 -17.37 -0.98 10.45
N SER A 68 -16.94 -1.83 11.38
CA SER A 68 -17.20 -1.58 12.79
C SER A 68 -16.43 -0.33 13.25
N ALA A 69 -16.85 0.28 14.36
CA ALA A 69 -16.12 1.41 14.93
C ALA A 69 -14.71 0.98 15.40
N MET A 70 -14.56 -0.30 15.82
CA MET A 70 -13.27 -0.85 16.25
C MET A 70 -12.31 -0.88 15.05
N ARG A 71 -12.81 -1.30 13.88
CA ARG A 71 -12.00 -1.34 12.66
C ARG A 71 -11.59 0.08 12.27
N ASP A 72 -12.52 1.06 12.32
CA ASP A 72 -12.17 2.46 12.04
C ASP A 72 -11.03 2.95 12.94
N GLN A 73 -11.10 2.62 14.25
CA GLN A 73 -10.07 3.01 15.19
C GLN A 73 -8.75 2.32 14.86
N TYR A 74 -8.78 1.05 14.41
CA TYR A 74 -7.57 0.34 14.02
C TYR A 74 -6.93 0.99 12.78
N MET A 75 -7.75 1.36 11.78
CA MET A 75 -7.24 2.03 10.56
C MET A 75 -6.75 3.44 10.85
N ARG A 76 -7.38 4.13 11.80
CA ARG A 76 -7.01 5.48 12.24
C ARG A 76 -5.57 5.50 12.79
N THR A 77 -5.06 4.37 13.34
CA THR A 77 -3.68 4.30 13.86
C THR A 77 -2.63 4.28 12.72
N GLY A 78 -3.04 3.95 11.49
CA GLY A 78 -2.13 3.92 10.36
C GLY A 78 -1.58 5.31 10.06
N GLU A 79 -0.26 5.40 9.90
CA GLU A 79 0.38 6.67 9.54
C GLU A 79 0.49 6.88 8.04
N GLY A 80 0.51 5.79 7.26
CA GLY A 80 0.61 5.90 5.81
C GLY A 80 -0.05 4.67 5.19
N PHE A 81 -0.56 4.81 3.98
CA PHE A 81 -1.29 3.73 3.31
C PHE A 81 -0.79 3.48 1.91
N LEU A 82 -0.62 2.21 1.53
CA LEU A 82 -0.34 1.85 0.17
C LEU A 82 -1.68 1.53 -0.46
N LEU A 83 -2.08 2.25 -1.53
CA LEU A 83 -3.33 1.99 -2.23
C LEU A 83 -2.94 1.08 -3.36
N VAL A 84 -3.21 -0.21 -3.23
CA VAL A 84 -2.79 -1.18 -4.24
C VAL A 84 -3.88 -1.59 -5.20
N PHE A 85 -3.58 -1.52 -6.51
CA PHE A 85 -4.45 -2.10 -7.52
C PHE A 85 -3.56 -3.05 -8.37
N ALA A 86 -4.19 -3.90 -9.17
CA ALA A 86 -3.45 -4.77 -10.07
C ALA A 86 -3.65 -4.25 -11.51
N ILE A 87 -2.54 -4.15 -12.25
CA ILE A 87 -2.56 -3.56 -13.61
C ILE A 87 -3.38 -4.37 -14.61
N ASN A 88 -3.74 -5.63 -14.27
CA ASN A 88 -4.58 -6.50 -15.12
C ASN A 88 -6.04 -6.56 -14.63
N ASN A 89 -6.44 -5.68 -13.68
CA ASN A 89 -7.78 -5.72 -13.12
C ASN A 89 -8.35 -4.31 -13.02
N THR A 90 -9.18 -3.93 -14.01
CA THR A 90 -9.74 -2.60 -14.05
C THR A 90 -10.61 -2.31 -12.84
N LYS A 91 -11.36 -3.31 -12.34
CA LYS A 91 -12.21 -3.08 -11.18
C LYS A 91 -11.35 -2.69 -9.95
N SER A 92 -10.16 -3.31 -9.78
CA SER A 92 -9.31 -2.98 -8.63
C SER A 92 -8.84 -1.53 -8.74
N PHE A 93 -8.60 -1.03 -9.96
CA PHE A 93 -8.19 0.36 -10.15
C PHE A 93 -9.38 1.30 -9.89
N GLU A 94 -10.58 0.90 -10.34
CA GLU A 94 -11.79 1.70 -10.10
C GLU A 94 -12.12 1.79 -8.61
N ASP A 95 -11.76 0.75 -7.83
CA ASP A 95 -11.99 0.72 -6.40
C ASP A 95 -11.04 1.61 -5.60
N ILE A 96 -9.97 2.16 -6.21
CA ILE A 96 -9.01 2.98 -5.47
C ILE A 96 -9.68 4.18 -4.80
N HIS A 97 -10.66 4.82 -5.49
CA HIS A 97 -11.37 5.96 -4.89
C HIS A 97 -12.02 5.57 -3.58
N HIS A 98 -12.64 4.36 -3.50
CA HIS A 98 -13.24 3.88 -2.25
C HIS A 98 -12.20 3.86 -1.11
N TYR A 99 -11.02 3.26 -1.37
CA TYR A 99 -10.01 3.18 -0.32
C TYR A 99 -9.52 4.57 0.08
N ARG A 100 -9.29 5.48 -0.88
CA ARG A 100 -8.87 6.83 -0.52
CA ARG A 100 -8.88 6.83 -0.53
C ARG A 100 -9.97 7.50 0.34
N GLU A 101 -11.25 7.36 -0.04
CA GLU A 101 -12.35 7.97 0.73
C GLU A 101 -12.43 7.43 2.14
N GLN A 102 -12.25 6.10 2.32
CA GLN A 102 -12.28 5.52 3.65
C GLN A 102 -11.14 5.98 4.52
N ILE A 103 -9.94 6.21 3.91
CA ILE A 103 -8.81 6.75 4.66
C ILE A 103 -9.15 8.19 5.06
N LYS A 104 -9.64 9.02 4.12
CA LYS A 104 -10.04 10.41 4.40
C LYS A 104 -11.08 10.46 5.53
N ARG A 105 -12.06 9.56 5.50
CA ARG A 105 -13.11 9.49 6.50
C ARG A 105 -12.58 9.19 7.91
N VAL A 106 -11.80 8.10 8.08
CA VAL A 106 -11.34 7.71 9.42
C VAL A 106 -10.24 8.65 9.93
N LYS A 107 -9.39 9.21 9.05
CA LYS A 107 -8.34 10.13 9.50
C LYS A 107 -8.85 11.56 9.65
N ASP A 108 -10.07 11.90 9.14
CA ASP A 108 -10.67 13.25 9.20
C ASP A 108 -9.65 14.28 8.65
N SER A 109 -9.05 13.94 7.52
CA SER A 109 -7.99 14.76 6.96
C SER A 109 -7.90 14.60 5.48
N GLU A 110 -7.55 15.69 4.81
CA GLU A 110 -7.32 15.76 3.38
C GLU A 110 -5.84 15.45 3.04
N ASP A 111 -4.95 15.36 4.06
CA ASP A 111 -3.51 15.19 3.87
C ASP A 111 -3.03 13.99 4.69
N VAL A 112 -3.20 12.80 4.12
CA VAL A 112 -2.77 11.57 4.74
C VAL A 112 -1.68 10.98 3.84
N PRO A 113 -0.51 10.57 4.38
CA PRO A 113 0.51 9.94 3.51
C PRO A 113 -0.03 8.69 2.80
N MET A 114 0.12 8.67 1.48
CA MET A 114 -0.29 7.54 0.69
C MET A 114 0.57 7.41 -0.53
N VAL A 115 0.62 6.19 -1.10
CA VAL A 115 1.31 5.92 -2.34
C VAL A 115 0.38 5.04 -3.17
N LEU A 116 0.22 5.35 -4.46
CA LEU A 116 -0.58 4.51 -5.35
C LEU A 116 0.36 3.44 -5.88
N VAL A 117 -0.05 2.16 -5.80
CA VAL A 117 0.81 1.07 -6.23
C VAL A 117 0.09 0.27 -7.32
N GLY A 118 0.70 0.14 -8.48
CA GLY A 118 0.18 -0.65 -9.59
C GLY A 118 0.93 -1.96 -9.62
N ASN A 119 0.36 -3.02 -9.01
CA ASN A 119 1.02 -4.30 -8.86
C ASN A 119 0.76 -5.26 -10.04
N LYS A 120 1.53 -6.39 -10.06
CA LYS A 120 1.49 -7.40 -11.10
C LYS A 120 2.02 -6.82 -12.43
N SER A 121 3.03 -5.93 -12.37
N SER A 121 3.04 -5.94 -12.35
CA SER A 121 3.60 -5.35 -13.58
CA SER A 121 3.64 -5.32 -13.53
C SER A 121 4.27 -6.38 -14.49
C SER A 121 4.39 -6.31 -14.42
N ASP A 122 4.62 -7.56 -13.95
CA ASP A 122 5.24 -8.64 -14.70
C ASP A 122 4.25 -9.28 -15.72
N LEU A 123 2.93 -9.10 -15.54
CA LEU A 123 1.95 -9.73 -16.41
C LEU A 123 1.76 -8.98 -17.72
N PRO A 124 1.62 -9.70 -18.85
CA PRO A 124 1.38 -9.00 -20.13
C PRO A 124 -0.07 -8.57 -20.35
N SER A 125 -1.02 -9.12 -19.55
CA SER A 125 -2.44 -8.85 -19.70
C SER A 125 -2.87 -7.54 -19.04
N ARG A 126 -2.19 -6.45 -19.40
CA ARG A 126 -2.47 -5.12 -18.86
C ARG A 126 -3.83 -4.57 -19.33
N THR A 127 -4.65 -4.09 -18.39
CA THR A 127 -5.92 -3.43 -18.69
C THR A 127 -5.99 -2.00 -18.14
N VAL A 128 -5.02 -1.59 -17.28
CA VAL A 128 -4.95 -0.25 -16.72
C VAL A 128 -3.65 0.32 -17.24
N ASP A 129 -3.72 1.43 -18.00
CA ASP A 129 -2.49 2.02 -18.53
C ASP A 129 -1.82 2.88 -17.50
N THR A 130 -0.47 2.92 -17.57
CA THR A 130 0.38 3.72 -16.68
C THR A 130 -0.06 5.19 -16.64
N LYS A 131 -0.42 5.78 -17.82
CA LYS A 131 -0.89 7.16 -17.87
C LYS A 131 -2.13 7.36 -16.99
N GLN A 132 -3.13 6.45 -17.05
CA GLN A 132 -4.33 6.58 -16.20
C GLN A 132 -3.95 6.63 -14.71
N ALA A 133 -3.03 5.73 -14.29
CA ALA A 133 -2.63 5.64 -12.89
C ALA A 133 -1.83 6.90 -12.48
N GLN A 134 -0.96 7.38 -13.35
CA GLN A 134 -0.20 8.61 -13.09
C GLN A 134 -1.14 9.82 -12.94
N ASP A 135 -2.19 9.90 -13.78
CA ASP A 135 -3.17 10.98 -13.67
C ASP A 135 -3.94 10.90 -12.35
N LEU A 136 -4.37 9.68 -11.93
CA LEU A 136 -5.08 9.54 -10.68
C LEU A 136 -4.20 9.94 -9.49
N ALA A 137 -2.92 9.47 -9.44
CA ALA A 137 -2.01 9.82 -8.36
C ALA A 137 -1.74 11.36 -8.38
N ARG A 138 -1.64 11.96 -9.57
CA ARG A 138 -1.49 13.42 -9.65
C ARG A 138 -2.71 14.13 -9.05
N SER A 139 -3.95 13.65 -9.34
CA SER A 139 -5.18 14.25 -8.79
C SER A 139 -5.22 14.14 -7.26
N TYR A 140 -4.59 13.10 -6.68
CA TYR A 140 -4.53 12.96 -5.22
C TYR A 140 -3.29 13.64 -4.59
N GLY A 141 -2.32 14.07 -5.41
CA GLY A 141 -1.10 14.68 -4.92
C GLY A 141 -0.15 13.68 -4.31
N ILE A 142 -0.15 12.42 -4.84
CA ILE A 142 0.68 11.36 -4.24
C ILE A 142 1.56 10.65 -5.28
N PRO A 143 2.63 9.95 -4.84
CA PRO A 143 3.43 9.20 -5.80
C PRO A 143 2.72 7.97 -6.37
N PHE A 144 3.14 7.54 -7.56
CA PHE A 144 2.65 6.30 -8.20
C PHE A 144 3.86 5.43 -8.43
N ILE A 145 3.78 4.14 -8.00
CA ILE A 145 4.91 3.24 -8.18
C ILE A 145 4.40 1.93 -8.74
N GLU A 146 5.03 1.46 -9.83
N GLU A 146 5.05 1.44 -9.82
CA GLU A 146 4.68 0.19 -10.43
CA GLU A 146 4.75 0.17 -10.48
C GLU A 146 5.51 -0.91 -9.75
C GLU A 146 5.52 -0.91 -9.73
N THR A 147 4.84 -2.01 -9.33
CA THR A 147 5.52 -3.10 -8.62
C THR A 147 5.17 -4.46 -9.22
N SER A 148 6.00 -5.45 -8.87
CA SER A 148 5.67 -6.83 -9.09
C SER A 148 6.13 -7.56 -7.83
N ALA A 149 5.19 -8.13 -7.07
CA ALA A 149 5.54 -8.98 -5.93
C ALA A 149 6.22 -10.27 -6.43
N LYS A 150 6.01 -10.66 -7.71
CA LYS A 150 6.64 -11.88 -8.23
C LYS A 150 8.14 -11.69 -8.43
N THR A 151 8.55 -10.61 -9.10
CA THR A 151 9.96 -10.35 -9.39
C THR A 151 10.66 -9.41 -8.41
N ARG A 152 9.88 -8.78 -7.54
CA ARG A 152 10.32 -7.81 -6.54
C ARG A 152 10.55 -6.43 -7.14
N GLN A 153 10.19 -6.19 -8.43
CA GLN A 153 10.31 -4.86 -9.04
C GLN A 153 9.51 -3.84 -8.23
N GLY A 154 10.12 -2.72 -7.90
CA GLY A 154 9.46 -1.62 -7.20
C GLY A 154 9.03 -1.84 -5.76
N VAL A 155 9.25 -3.04 -5.17
CA VAL A 155 8.72 -3.32 -3.82
C VAL A 155 9.33 -2.43 -2.74
N ASP A 156 10.69 -2.41 -2.65
CA ASP A 156 11.33 -1.52 -1.65
C ASP A 156 10.97 -0.06 -1.97
N ASP A 157 10.91 0.32 -3.25
CA ASP A 157 10.57 1.69 -3.62
C ASP A 157 9.15 2.07 -3.12
N ALA A 158 8.17 1.16 -3.24
CA ALA A 158 6.82 1.49 -2.79
C ALA A 158 6.78 1.76 -1.27
N PHE A 159 7.35 0.85 -0.47
CA PHE A 159 7.31 1.02 0.97
C PHE A 159 8.20 2.17 1.44
N TYR A 160 9.41 2.29 0.87
CA TYR A 160 10.32 3.36 1.29
C TYR A 160 9.80 4.73 0.86
N THR A 161 9.14 4.83 -0.30
CA THR A 161 8.53 6.09 -0.71
C THR A 161 7.41 6.45 0.28
N LEU A 162 6.62 5.46 0.74
CA LEU A 162 5.58 5.76 1.73
C LEU A 162 6.18 6.30 3.03
N VAL A 163 7.31 5.72 3.48
CA VAL A 163 8.00 6.21 4.69
C VAL A 163 8.45 7.65 4.46
N ARG A 164 8.96 7.98 3.25
CA ARG A 164 9.39 9.35 2.98
C ARG A 164 8.20 10.31 2.99
N GLU A 165 7.01 9.85 2.56
CA GLU A 165 5.80 10.69 2.60
C GLU A 165 5.40 10.94 4.04
N ILE A 166 5.50 9.92 4.90
CA ILE A 166 5.16 10.10 6.34
C ILE A 166 6.14 11.11 6.94
N ARG A 167 7.44 10.99 6.59
CA ARG A 167 8.42 11.98 7.09
C ARG A 167 8.08 13.39 6.67
N LYS A 168 7.69 13.59 5.40
CA LYS A 168 7.30 14.91 4.89
C LYS A 168 6.08 15.43 5.65
N HIS A 169 5.10 14.54 5.94
CA HIS A 169 3.92 14.94 6.70
C HIS A 169 4.27 15.34 8.13
N LYS A 170 5.12 14.59 8.83
CA LYS A 170 5.51 14.92 10.20
C LYS A 170 6.26 16.28 10.30
N GLU A 171 6.81 16.75 9.20
N GLU A 171 6.84 16.75 9.18
CA GLU A 171 7.55 17.99 9.16
CA GLU A 171 7.57 18.04 9.08
C GLU A 171 6.68 19.22 8.87
C GLU A 171 6.64 19.23 8.95
N LYS A 172 5.42 19.03 8.43
CA LYS A 172 4.52 20.14 8.13
C LYS A 172 4.12 20.92 9.36
PB GDP B . -4.36 -10.01 -1.71
O1B GDP B . -4.37 -8.55 -2.15
O2B GDP B . -3.58 -10.25 -0.44
O3B GDP B . -5.73 -10.66 -1.69
O3A GDP B . -3.51 -10.76 -2.84
PA GDP B . -2.48 -11.97 -2.78
O1A GDP B . -1.17 -11.52 -2.26
O2A GDP B . -3.18 -13.07 -2.09
O5' GDP B . -2.27 -12.32 -4.32
C5' GDP B . -3.39 -12.79 -5.11
C4' GDP B . -2.87 -13.68 -6.20
O4' GDP B . -2.05 -12.90 -7.11
C3' GDP B . -1.98 -14.85 -5.74
O3' GDP B . -2.13 -16.00 -6.57
C2' GDP B . -0.57 -14.27 -5.90
O2' GDP B . 0.45 -15.26 -6.12
C1' GDP B . -0.73 -13.40 -7.13
N9 GDP B . 0.20 -12.25 -7.22
C8 GDP B . 0.38 -11.28 -6.27
N7 GDP B . 1.23 -10.35 -6.65
C5 GDP B . 1.63 -10.73 -7.92
C6 GDP B . 2.50 -10.10 -8.85
O6 GDP B . 3.05 -9.03 -8.72
N1 GDP B . 2.60 -10.81 -10.03
C2 GDP B . 1.93 -11.97 -10.32
N2 GDP B . 2.17 -12.53 -11.52
N3 GDP B . 1.12 -12.58 -9.46
C4 GDP B . 1.00 -11.91 -8.29
H5' GDP B . -3.83 -11.91 -5.59
H5'' GDP B . -4.22 -13.22 -4.54
H4' GDP B . -3.73 -14.02 -6.80
H3' GDP B . -2.23 -15.18 -4.72
HO3' GDP B . -1.48 -16.64 -6.21
H2' GDP B . -0.27 -13.67 -5.03
HO2' GDP B . 0.41 -15.77 -5.29
H1' GDP B . -0.66 -13.98 -8.07
H8 GDP B . -0.14 -11.30 -5.33
HN1 GDP B . 3.23 -10.40 -10.72
HN21 GDP B . 2.80 -12.13 -12.23
HN22 GDP B . 1.67 -13.38 -11.73
C4 A1B7Q C . -9.54 2.88 5.69
C5 A1B7Q C . -12.31 1.57 7.79
C6 A1B7Q C . -12.95 -0.60 7.04
C7 A1B7Q C . -12.56 -13.96 2.06
C8 A1B7Q C . -11.87 -3.78 4.30
C10 A1B7Q C . -10.08 0.65 4.94
C13 A1B7Q C . -11.15 0.57 5.87
C15 A1B7Q C . -12.78 -2.27 2.70
C17 A1B7Q C . -9.32 1.81 4.86
C20 A1B7Q C . -12.54 -4.54 1.95
C21 A1B7Q C . -11.26 -12.31 1.41
C22 A1B7Q C . -13.62 -2.95 0.71
C24 A1B7Q C . -17.26 -4.80 -2.87
C26 A1B7Q C . -15.19 -1.77 -2.92
C28 A1B7Q C . -10.58 -5.98 2.52
C1 A1B7Q C . -9.33 -1.42 3.51
C2 A1B7Q C . -9.73 -0.51 4.16
C3 A1B7Q C . -10.52 2.81 6.63
C9 A1B7Q C . -12.44 -14.32 0.77
C11 A1B7Q C . -11.34 1.66 6.78
C12 A1B7Q C . -12.34 -3.57 2.99
C14 A1B7Q C . -12.03 -0.57 6.02
C16 A1B7Q C . -13.10 0.47 7.91
C18 A1B7Q C . -12.64 -1.31 3.71
C19 A1B7Q C . -12.16 -1.61 4.95
C23 A1B7Q C . -9.51 -8.97 0.64
C25 A1B7Q C . -15.96 -4.17 -3.38
C27 A1B7Q C . -18.00 -3.63 -2.30
C29 A1B7Q C . -12.29 -6.65 0.82
C30 A1B7Q C . -9.66 -6.72 1.57
C31 A1B7Q C . -11.76 -8.01 1.08
C32 A1B7Q C . -17.11 -1.34 -1.56
C33 A1B7Q C . -16.40 -0.87 -2.79
C34 A1B7Q C . -15.59 -3.12 -2.32
C35 A1B7Q C . -10.28 -11.19 1.52
C36 A1B7Q C . -10.20 -10.28 0.31
C37 A1B7Q C . -14.58 -3.65 -1.34
N38 A1B7Q C . -11.78 -2.87 5.24
N39 A1B7Q C . -11.89 -12.81 2.43
N40 A1B7Q C . -13.45 -1.93 1.56
N41 A1B7Q C . -13.21 -4.20 0.85
N42 A1B7Q C . -11.90 -5.74 1.91
N43 A1B7Q C . -10.28 -7.98 1.11
N44 A1B7Q C . -16.94 -2.83 -1.60
O45 A1B7Q C . -8.31 -8.81 0.46
O46 A1B7Q C . -14.00 0.32 8.91
O47 A1B7Q C . -14.40 -2.64 -0.33
F48 A1B7Q C . -8.30 1.86 3.97
F49 A1B7Q C . -12.93 -0.04 3.40
F50 A1B7Q C . -17.24 -1.10 -3.89
S51 A1B7Q C . -11.46 -13.20 -0.06
H54 A1B7Q C . -8.92 3.78 5.60
H55 A1B7Q C . -12.43 2.41 8.48
H56 A1B7Q C . -13.59 -1.47 7.16
H57 A1B7Q C . -13.13 -14.51 2.80
H58 A1B7Q C . -11.55 -4.77 4.63
H61 A1B7Q C . -17.82 -5.25 -3.70
H60 A1B7Q C . -17.09 -5.58 -2.13
H65 A1B7Q C . -14.95 -1.86 -3.98
H64 A1B7Q C . -14.32 -1.32 -2.43
H69 A1B7Q C . -10.69 -6.55 3.44
H68 A1B7Q C . -10.09 -5.04 2.77
H52 A1B7Q C . -8.96 -2.25 2.95
H53 A1B7Q C . -10.68 3.67 7.28
H59 A1B7Q C . -12.88 -15.16 0.27
H62 A1B7Q C . -16.10 -3.76 -4.37
H63 A1B7Q C . -15.19 -4.95 -3.47
H67 A1B7Q C . -18.48 -3.01 -3.06
H66 A1B7Q C . -18.74 -3.95 -1.56
H71 A1B7Q C . -11.94 -6.31 -0.17
H70 A1B7Q C . -13.38 -6.72 0.76
H72 A1B7Q C . -8.71 -6.92 2.08
H73 A1B7Q C . -9.42 -6.12 0.68
H74 A1B7Q C . -12.16 -8.55 0.23
H75 A1B7Q C . -12.20 -8.43 1.98
H77 A1B7Q C . -16.70 -0.96 -0.62
H76 A1B7Q C . -18.18 -1.14 -1.62
H78 A1B7Q C . -16.15 0.19 -2.77
H79 A1B7Q C . -9.28 -11.61 1.72
H80 A1B7Q C . -10.53 -10.58 2.40
H81 A1B7Q C . -11.13 -10.30 -0.25
H84 A1B7Q C . -14.97 -4.57 -0.90
H83 A1B7Q C . -13.64 -3.86 -1.85
H85 A1B7Q C . -13.99 1.10 9.49
H86 A1B7Q C . -16.93 -3.15 -0.64
MG MG D . -4.08 -11.09 1.38
#